data_8H7X
#
_entry.id   8H7X
#
_cell.length_a   50.100
_cell.length_b   90.110
_cell.length_c   165.310
_cell.angle_alpha   90.000
_cell.angle_beta   90.000
_cell.angle_gamma   90.000
#
_symmetry.space_group_name_H-M   'P 21 21 21'
#
loop_
_entity.id
_entity.type
_entity.pdbx_description
1 polymer 'Epidermal growth factor receptor'
2 non-polymer 5-chloro-N~4~-[2-(dimethylphosphoryl)phenyl]-N~2~-{2-methoxy-4-[4-(4-methylpiperazin-1-yl)piperidin-1-yl]phenyl}pyrimidine-2,4-diamine
#
_entity_poly.entity_id   1
_entity_poly.type   'polypeptide(L)'
_entity_poly.pdbx_seq_one_letter_code
;GAMGEAPNQALLRILKETEFKKIKVLGSGAFGTVYKGLWIPEGEKVKIPVAIKELREATSPKANKEILDEAYVMASVDNP
HVCRLLGICLTSTVQLIMQLMPFGSLLDYVREHKDNIGSQYLLNWCVQIAKGMNYLEDRRLVHRDLAARNVLVKTPQHVK
ITDFGLAKLLGAEEKEYHAEGGKVPIKWMALESILHRIYTHQSDVWSYGVTVWELMTFGSKPYDGIPASEISSILEKGER
LPQPPICTIDVYMIMVKCWMIDADSRPKFRELIIEFSKMARDPQRYLVIQGDERMHLPSPTDSNFYRALMDEEDMDDVVD
ADEYLIPQQG
;
_entity_poly.pdbx_strand_id   A,B
#
loop_
_chem_comp.id
_chem_comp.type
_chem_comp.name
_chem_comp.formula
6GY non-polymer 5-chloro-N~4~-[2-(dimethylphosphoryl)phenyl]-N~2~-{2-methoxy-4-[4-(4-methylpiperazin-1-yl)piperidin-1-yl]phenyl}pyrimidine-2,4-diamine 'C29 H39 Cl N7 O2 P'
#
# COMPACT_ATOMS: atom_id res chain seq x y z
N GLU A 5 -6.63 -3.20 -17.62
CA GLU A 5 -6.22 -2.02 -18.37
C GLU A 5 -4.72 -1.79 -18.33
N ALA A 6 -4.31 -0.54 -18.01
CA ALA A 6 -2.96 -0.01 -18.09
C ALA A 6 -2.23 -0.18 -16.76
N PRO A 7 -0.96 -0.61 -16.79
CA PRO A 7 -0.19 -0.65 -15.54
C PRO A 7 -0.04 0.73 -14.93
N ASN A 8 -0.46 0.81 -13.66
CA ASN A 8 -0.45 2.02 -12.84
C ASN A 8 0.95 2.23 -12.27
N GLN A 9 1.83 2.86 -13.07
CA GLN A 9 3.23 3.07 -12.65
C GLN A 9 3.41 4.32 -11.78
N ALA A 10 2.35 4.81 -11.15
CA ALA A 10 2.43 5.94 -10.25
C ALA A 10 3.20 5.56 -9.00
N LEU A 11 4.31 6.21 -8.71
CA LEU A 11 5.03 5.80 -7.51
C LEU A 11 4.59 6.64 -6.30
N LEU A 12 4.76 6.06 -5.11
CA LEU A 12 4.63 6.88 -3.90
C LEU A 12 5.97 6.83 -3.18
N ARG A 13 6.49 8.02 -2.90
CA ARG A 13 7.74 8.19 -2.21
C ARG A 13 7.47 8.08 -0.72
N ILE A 14 8.41 7.46 0.00
CA ILE A 14 8.35 7.30 1.45
C ILE A 14 9.35 8.28 2.06
N LEU A 15 8.87 9.10 3.00
CA LEU A 15 9.67 10.11 3.67
C LEU A 15 9.72 9.85 5.16
N LYS A 16 10.92 9.89 5.74
CA LYS A 16 11.05 9.85 7.20
C LYS A 16 10.85 11.26 7.75
N GLU A 17 10.18 11.34 8.91
CA GLU A 17 9.71 12.61 9.44
C GLU A 17 10.85 13.53 9.87
N THR A 18 12.10 13.08 9.79
CA THR A 18 13.25 13.97 9.94
C THR A 18 13.44 14.88 8.73
N GLU A 19 12.77 14.60 7.62
CA GLU A 19 12.93 15.39 6.41
C GLU A 19 11.97 16.57 6.33
N PHE A 20 11.06 16.72 7.28
CA PHE A 20 10.14 17.83 7.26
C PHE A 20 9.82 18.23 8.69
N LYS A 21 9.58 19.51 8.88
CA LYS A 21 9.14 20.01 10.17
C LYS A 21 7.92 20.85 9.93
N LYS A 22 7.05 20.85 10.92
CA LYS A 22 5.79 21.55 10.82
C LYS A 22 5.93 22.90 11.51
N ILE A 23 5.53 23.97 10.80
CA ILE A 23 5.76 25.31 11.33
C ILE A 23 4.48 25.88 11.93
N LYS A 24 3.31 25.52 11.38
CA LYS A 24 2.10 26.21 11.79
C LYS A 24 0.91 25.32 11.54
N VAL A 25 -0.02 25.28 12.51
CA VAL A 25 -1.27 24.57 12.33
C VAL A 25 -2.15 25.36 11.36
N LEU A 26 -2.53 24.72 10.27
CA LEU A 26 -3.45 25.30 9.31
C LEU A 26 -4.91 24.97 9.62
N GLY A 27 -5.17 23.96 10.44
CA GLY A 27 -6.52 23.65 10.86
C GLY A 27 -6.74 22.33 11.57
N SER A 28 -7.40 22.36 12.72
CA SER A 28 -7.88 21.14 13.35
C SER A 28 -9.14 20.66 12.65
N GLY A 29 -9.27 19.34 12.55
CA GLY A 29 -10.43 18.76 11.88
C GLY A 29 -10.75 17.41 12.47
N ALA A 30 -11.92 16.89 12.09
CA ALA A 30 -12.29 15.53 12.51
C ALA A 30 -11.39 14.48 11.86
N PHE A 31 -10.86 14.77 10.66
CA PHE A 31 -9.74 14.00 10.13
C PHE A 31 -8.57 14.08 11.10
N GLY A 32 -8.25 15.28 11.55
CA GLY A 32 -7.23 15.46 12.56
C GLY A 32 -6.64 16.85 12.46
N THR A 33 -5.34 16.89 12.22
CA THR A 33 -4.62 18.15 12.09
C THR A 33 -3.82 18.14 10.79
N VAL A 34 -3.75 19.31 10.14
CA VAL A 34 -2.90 19.52 8.98
C VAL A 34 -2.00 20.73 9.25
N TYR A 35 -0.70 20.59 8.96
CA TYR A 35 0.32 21.59 9.28
C TYR A 35 0.89 22.20 8.02
N LYS A 36 1.49 23.39 8.18
CA LYS A 36 2.28 24.03 7.14
C LYS A 36 3.74 23.68 7.39
N GLY A 37 4.47 23.33 6.34
CA GLY A 37 5.84 22.95 6.63
C GLY A 37 6.75 23.14 5.44
N LEU A 38 8.03 22.97 5.72
CA LEU A 38 9.03 22.87 4.67
C LEU A 38 9.55 21.45 4.66
N TRP A 39 9.66 20.87 3.47
CA TRP A 39 10.20 19.52 3.35
C TRP A 39 11.51 19.59 2.58
N ILE A 40 12.61 19.28 3.28
CA ILE A 40 13.95 19.29 2.71
C ILE A 40 14.34 17.86 2.39
N PRO A 41 14.14 17.37 1.17
CA PRO A 41 14.58 16.02 0.83
C PRO A 41 16.03 15.79 1.20
N GLU A 42 16.28 14.72 1.96
CA GLU A 42 17.65 14.31 2.27
C GLU A 42 18.34 13.92 0.97
N GLY A 43 19.56 14.43 0.78
CA GLY A 43 20.19 14.38 -0.51
C GLY A 43 20.06 15.72 -1.22
N GLU A 44 18.83 16.12 -1.54
CA GLU A 44 18.57 17.34 -2.32
C GLU A 44 18.78 18.61 -1.46
N LYS A 45 19.12 19.71 -2.16
CA LYS A 45 19.37 20.99 -1.50
C LYS A 45 18.32 22.02 -1.91
N VAL A 46 17.07 21.62 -1.87
CA VAL A 46 15.94 22.51 -2.05
C VAL A 46 15.07 22.34 -0.81
N LYS A 47 14.38 23.40 -0.44
CA LYS A 47 13.25 23.29 0.47
C LYS A 47 11.99 23.39 -0.40
N ILE A 48 10.99 22.57 -0.09
CA ILE A 48 9.73 22.61 -0.83
C ILE A 48 8.58 22.76 0.17
N PRO A 49 7.82 23.85 0.12
CA PRO A 49 6.74 24.04 1.09
C PRO A 49 5.61 23.08 0.80
N VAL A 50 5.05 22.55 1.88
CA VAL A 50 4.23 21.33 1.87
C VAL A 50 3.20 21.43 2.98
N ALA A 51 2.10 20.71 2.81
CA ALA A 51 1.06 20.62 3.81
C ALA A 51 0.92 19.17 4.28
N ILE A 52 0.94 18.96 5.60
CA ILE A 52 1.17 17.66 6.22
C ILE A 52 -0.06 17.31 7.07
N LYS A 53 -0.70 16.19 6.77
CA LYS A 53 -1.97 15.80 7.40
C LYS A 53 -1.73 14.60 8.28
N GLU A 54 -2.47 14.52 9.40
CA GLU A 54 -2.11 13.58 10.48
C GLU A 54 -3.35 13.28 11.32
N LEU A 55 -3.94 12.09 11.12
CA LEU A 55 -5.23 11.77 11.73
C LEU A 55 -5.13 11.72 13.27
N ARG A 56 -6.29 11.72 13.92
CA ARG A 56 -6.35 11.74 15.39
C ARG A 56 -5.62 10.55 16.01
N GLU A 57 -6.08 9.33 15.73
CA GLU A 57 -5.51 8.12 16.32
C GLU A 57 -5.43 6.98 15.32
N ALA A 58 -4.25 6.36 15.22
CA ALA A 58 -4.02 5.19 14.37
C ALA A 58 -4.33 3.89 15.09
N THR A 59 -5.29 3.91 16.03
CA THR A 59 -5.62 2.70 16.78
C THR A 59 -6.32 1.67 15.88
N SER A 60 -7.21 2.13 14.99
CA SER A 60 -7.99 1.11 14.30
C SER A 60 -7.27 0.64 13.03
N PRO A 61 -7.31 -0.66 12.72
CA PRO A 61 -6.92 -1.08 11.37
C PRO A 61 -7.75 -0.42 10.30
N LYS A 62 -9.03 -0.10 10.60
CA LYS A 62 -9.87 0.60 9.63
C LYS A 62 -9.36 2.01 9.38
N ALA A 63 -8.87 2.68 10.43
CA ALA A 63 -8.30 4.01 10.26
C ALA A 63 -7.07 3.97 9.37
N ASN A 64 -6.20 2.98 9.56
CA ASN A 64 -5.02 2.85 8.72
C ASN A 64 -5.42 2.60 7.26
N LYS A 65 -6.36 1.66 7.05
CA LYS A 65 -6.73 1.26 5.68
C LYS A 65 -7.34 2.42 4.91
N GLU A 66 -8.09 3.30 5.59
CA GLU A 66 -8.73 4.45 4.96
C GLU A 66 -7.79 5.65 4.77
N ILE A 67 -6.65 5.68 5.46
CA ILE A 67 -5.60 6.67 5.18
C ILE A 67 -4.66 6.19 4.10
N LEU A 68 -4.38 4.89 4.04
CA LEU A 68 -3.55 4.41 2.94
C LEU A 68 -4.33 4.35 1.63
N ASP A 69 -5.65 4.17 1.70
CA ASP A 69 -6.46 4.22 0.49
C ASP A 69 -6.66 5.66 0.01
N GLU A 70 -6.84 6.60 0.94
CA GLU A 70 -6.76 8.03 0.59
C GLU A 70 -5.41 8.36 -0.05
N ALA A 71 -4.34 7.68 0.36
CA ALA A 71 -3.02 7.95 -0.23
C ALA A 71 -2.85 7.29 -1.60
N TYR A 72 -3.53 6.14 -1.82
CA TYR A 72 -3.44 5.46 -3.12
C TYR A 72 -4.01 6.34 -4.23
N VAL A 73 -5.15 6.99 -3.99
CA VAL A 73 -5.74 7.84 -5.01
C VAL A 73 -4.84 9.04 -5.28
N MET A 74 -4.53 9.83 -4.23
CA MET A 74 -3.83 11.09 -4.39
C MET A 74 -2.51 10.91 -5.13
N ALA A 75 -1.90 9.71 -5.01
CA ALA A 75 -0.57 9.43 -5.54
C ALA A 75 -0.61 9.06 -7.01
N SER A 76 -1.72 8.46 -7.47
CA SER A 76 -1.82 7.98 -8.84
C SER A 76 -2.50 8.98 -9.77
N VAL A 77 -3.10 10.06 -9.26
CA VAL A 77 -3.71 11.07 -10.15
C VAL A 77 -2.66 12.07 -10.61
N ASP A 78 -2.59 12.25 -11.93
CA ASP A 78 -1.81 13.32 -12.54
C ASP A 78 -2.81 14.22 -13.21
N ASN A 79 -3.44 15.10 -12.42
CA ASN A 79 -4.22 16.13 -13.04
C ASN A 79 -3.75 17.50 -12.54
N PRO A 80 -3.73 18.50 -13.43
CA PRO A 80 -3.38 19.85 -12.99
C PRO A 80 -4.33 20.44 -11.98
N HIS A 81 -5.60 20.05 -11.98
CA HIS A 81 -6.57 20.67 -11.07
C HIS A 81 -6.93 19.76 -9.91
N VAL A 82 -6.12 18.73 -9.70
CA VAL A 82 -6.19 17.84 -8.55
C VAL A 82 -4.88 18.00 -7.80
N CYS A 83 -4.95 18.65 -6.64
CA CYS A 83 -3.82 18.70 -5.73
C CYS A 83 -3.22 17.31 -5.58
N ARG A 84 -1.90 17.22 -5.78
CA ARG A 84 -1.17 15.96 -5.74
C ARG A 84 -0.34 15.90 -4.47
N LEU A 85 -0.04 14.69 -4.00
CA LEU A 85 0.82 14.60 -2.82
C LEU A 85 2.22 14.17 -3.23
N LEU A 86 3.22 14.61 -2.46
CA LEU A 86 4.62 14.35 -2.75
C LEU A 86 5.05 12.96 -2.27
N GLY A 87 4.64 12.59 -1.08
CA GLY A 87 5.16 11.41 -0.44
C GLY A 87 4.38 11.18 0.83
N ILE A 88 4.68 10.04 1.47
CA ILE A 88 3.99 9.57 2.66
C ILE A 88 5.02 9.22 3.72
N CYS A 89 4.59 9.31 4.99
CA CYS A 89 5.45 8.98 6.13
C CYS A 89 4.78 7.89 6.95
N LEU A 90 5.34 6.68 6.94
CA LEU A 90 4.76 5.53 7.64
C LEU A 90 5.14 5.47 9.13
N THR A 91 4.92 6.56 9.85
CA THR A 91 5.07 6.55 11.30
C THR A 91 3.88 5.84 11.96
N SER A 92 3.94 5.79 13.30
CA SER A 92 2.91 5.11 14.09
C SER A 92 1.51 5.54 13.67
N THR A 93 1.28 6.85 13.64
CA THR A 93 0.17 7.44 12.89
C THR A 93 0.75 7.96 11.59
N VAL A 94 0.31 7.39 10.46
CA VAL A 94 0.89 7.73 9.15
C VAL A 94 0.78 9.22 8.88
N GLN A 95 1.45 9.70 7.82
CA GLN A 95 1.47 11.13 7.54
C GLN A 95 1.52 11.38 6.04
N LEU A 96 0.72 12.37 5.59
CA LEU A 96 0.58 12.74 4.18
C LEU A 96 1.24 14.09 3.92
N ILE A 97 2.02 14.16 2.85
CA ILE A 97 2.81 15.34 2.53
C ILE A 97 2.44 15.77 1.11
N MET A 98 1.69 16.86 1.01
CA MET A 98 1.08 17.34 -0.24
C MET A 98 1.71 18.68 -0.57
N GLN A 99 1.62 19.09 -1.85
CA GLN A 99 2.08 20.43 -2.19
C GLN A 99 1.23 21.43 -1.41
N LEU A 100 1.88 22.46 -0.89
CA LEU A 100 1.20 23.46 -0.09
C LEU A 100 0.51 24.43 -1.07
N MET A 101 -0.82 24.41 -1.06
CA MET A 101 -1.62 25.43 -1.72
C MET A 101 -1.56 26.71 -0.91
N PRO A 102 -0.80 27.73 -1.34
CA PRO A 102 -0.44 28.81 -0.40
C PRO A 102 -1.60 29.71 0.01
N PHE A 103 -2.72 29.70 -0.74
CA PHE A 103 -3.76 30.71 -0.59
C PHE A 103 -5.03 30.23 0.12
N GLY A 104 -5.12 28.97 0.51
CA GLY A 104 -6.20 28.54 1.36
C GLY A 104 -7.29 27.87 0.56
N SER A 105 -8.39 27.60 1.24
CA SER A 105 -9.55 27.13 0.51
C SER A 105 -10.10 28.29 -0.32
N LEU A 106 -10.74 27.94 -1.43
CA LEU A 106 -11.46 28.96 -2.17
C LEU A 106 -12.51 29.59 -1.27
N LEU A 107 -13.12 28.79 -0.39
CA LEU A 107 -14.11 29.30 0.55
C LEU A 107 -13.53 30.39 1.43
N ASP A 108 -12.28 30.23 1.86
CA ASP A 108 -11.63 31.29 2.60
C ASP A 108 -11.27 32.43 1.67
N TYR A 109 -10.90 32.11 0.43
CA TYR A 109 -10.37 33.14 -0.46
C TYR A 109 -11.45 34.13 -0.91
N VAL A 110 -12.68 33.65 -1.14
CA VAL A 110 -13.69 34.53 -1.68
C VAL A 110 -14.50 35.24 -0.63
N ARG A 111 -14.26 34.97 0.65
CA ARG A 111 -14.85 35.87 1.64
C ARG A 111 -13.95 37.06 1.88
N GLU A 112 -12.64 36.84 1.94
CA GLU A 112 -11.69 37.93 2.17
C GLU A 112 -11.70 38.91 1.02
N HIS A 113 -12.03 38.43 -0.18
CA HIS A 113 -11.86 39.22 -1.39
C HIS A 113 -13.16 39.42 -2.17
N LYS A 114 -14.33 39.25 -1.55
CA LYS A 114 -15.57 39.55 -2.25
C LYS A 114 -15.54 40.90 -2.93
N ASP A 115 -14.68 41.81 -2.48
CA ASP A 115 -14.60 43.16 -2.96
C ASP A 115 -13.73 43.30 -4.20
N ASN A 116 -13.07 42.24 -4.63
CA ASN A 116 -12.13 42.42 -5.73
C ASN A 116 -12.11 41.19 -6.62
N ILE A 117 -13.25 40.49 -6.74
CA ILE A 117 -13.32 39.27 -7.54
C ILE A 117 -14.17 39.55 -8.77
N GLY A 118 -13.51 39.65 -9.91
CA GLY A 118 -14.19 39.86 -11.16
C GLY A 118 -14.82 38.59 -11.72
N SER A 119 -15.72 38.81 -12.69
CA SER A 119 -16.44 37.72 -13.34
C SER A 119 -15.51 36.72 -14.02
N GLN A 120 -14.35 37.19 -14.50
CA GLN A 120 -13.47 36.31 -15.25
C GLN A 120 -12.99 35.17 -14.38
N TYR A 121 -12.51 35.48 -13.18
CA TYR A 121 -11.96 34.43 -12.33
C TYR A 121 -13.03 33.42 -11.91
N LEU A 122 -14.18 33.89 -11.43
CA LEU A 122 -15.25 33.00 -10.97
C LEU A 122 -15.68 32.00 -12.03
N LEU A 123 -15.77 32.42 -13.29
CA LEU A 123 -16.09 31.44 -14.33
C LEU A 123 -14.86 30.63 -14.69
N ASN A 124 -13.67 31.21 -14.57
CA ASN A 124 -12.46 30.42 -14.75
C ASN A 124 -12.33 29.37 -13.66
N TRP A 125 -12.76 29.70 -12.45
CA TRP A 125 -12.67 28.73 -11.36
C TRP A 125 -13.66 27.59 -11.56
N CYS A 126 -14.75 27.82 -12.28
CA CYS A 126 -15.72 26.77 -12.49
C CYS A 126 -15.31 25.83 -13.62
N VAL A 127 -14.65 26.36 -14.65
CA VAL A 127 -14.05 25.50 -15.66
C VAL A 127 -12.98 24.61 -15.05
N GLN A 128 -12.29 25.07 -14.01
CA GLN A 128 -11.18 24.32 -13.41
C GLN A 128 -11.67 23.21 -12.49
N ILE A 129 -12.65 23.49 -11.64
CA ILE A 129 -13.26 22.43 -10.85
C ILE A 129 -13.81 21.33 -11.75
N ALA A 130 -14.57 21.73 -12.78
CA ALA A 130 -15.18 20.76 -13.67
C ALA A 130 -14.15 19.91 -14.40
N LYS A 131 -13.01 20.51 -14.79
CA LYS A 131 -11.96 19.72 -15.43
C LYS A 131 -11.37 18.70 -14.47
N GLY A 132 -11.15 19.09 -13.22
CA GLY A 132 -10.61 18.16 -12.24
C GLY A 132 -11.59 17.03 -11.95
N MET A 133 -12.87 17.38 -11.82
CA MET A 133 -13.89 16.38 -11.54
C MET A 133 -14.18 15.49 -12.74
N ASN A 134 -13.89 15.96 -13.94
CA ASN A 134 -14.06 15.09 -15.08
C ASN A 134 -12.84 14.19 -15.24
N TYR A 135 -11.67 14.63 -14.74
CA TYR A 135 -10.56 13.70 -14.57
C TYR A 135 -10.98 12.60 -13.63
N LEU A 136 -11.59 12.97 -12.51
CA LEU A 136 -11.97 11.98 -11.50
C LEU A 136 -13.09 11.07 -11.99
N GLU A 137 -14.03 11.61 -12.79
CA GLU A 137 -15.06 10.77 -13.40
C GLU A 137 -14.43 9.76 -14.34
N ASP A 138 -13.35 10.16 -15.04
CA ASP A 138 -12.66 9.27 -15.96
C ASP A 138 -11.90 8.15 -15.24
N ARG A 139 -11.46 8.39 -14.01
CA ARG A 139 -10.75 7.36 -13.29
C ARG A 139 -11.68 6.46 -12.47
N ARG A 140 -13.00 6.47 -12.75
CA ARG A 140 -14.03 5.68 -12.08
C ARG A 140 -14.22 6.05 -10.60
N LEU A 141 -13.82 7.27 -10.22
CA LEU A 141 -13.78 7.70 -8.82
C LEU A 141 -14.89 8.70 -8.46
N VAL A 142 -15.36 8.61 -7.22
CA VAL A 142 -16.40 9.49 -6.67
C VAL A 142 -15.82 10.22 -5.46
N HIS A 143 -15.80 11.55 -5.53
CA HIS A 143 -15.07 12.35 -4.55
C HIS A 143 -15.83 12.47 -3.23
N ARG A 144 -17.14 12.55 -3.28
CA ARG A 144 -18.04 12.39 -2.15
C ARG A 144 -17.92 13.46 -1.07
N ASP A 145 -17.10 14.50 -1.26
CA ASP A 145 -17.15 15.65 -0.37
C ASP A 145 -16.52 16.86 -1.05
N LEU A 146 -17.13 17.29 -2.14
CA LEU A 146 -16.75 18.51 -2.84
C LEU A 146 -17.48 19.69 -2.23
N ALA A 147 -16.76 20.79 -2.06
CA ALA A 147 -17.25 21.97 -1.35
C ALA A 147 -16.18 23.01 -1.50
N ALA A 148 -16.57 24.28 -1.41
CA ALA A 148 -15.58 25.35 -1.60
C ALA A 148 -14.49 25.27 -0.54
N ARG A 149 -14.77 24.62 0.60
CA ARG A 149 -13.75 24.41 1.62
C ARG A 149 -12.72 23.36 1.23
N ASN A 150 -13.06 22.45 0.31
CA ASN A 150 -12.15 21.41 -0.15
C ASN A 150 -11.59 21.74 -1.53
N VAL A 151 -11.62 23.00 -1.93
CA VAL A 151 -11.03 23.43 -3.19
C VAL A 151 -10.02 24.50 -2.81
N LEU A 152 -8.74 24.22 -3.04
CA LEU A 152 -7.67 25.05 -2.54
C LEU A 152 -7.08 25.88 -3.66
N VAL A 153 -6.45 26.98 -3.29
CA VAL A 153 -6.04 28.03 -4.21
C VAL A 153 -4.52 28.08 -4.20
N LYS A 154 -3.88 27.45 -5.18
CA LYS A 154 -2.44 27.64 -5.27
C LYS A 154 -2.09 29.02 -5.79
N THR A 155 -2.97 29.62 -6.60
CA THR A 155 -2.83 30.96 -7.18
C THR A 155 -4.21 31.42 -7.62
N PRO A 156 -4.50 32.74 -7.65
CA PRO A 156 -5.83 33.17 -8.11
C PRO A 156 -6.15 32.66 -9.50
N GLN A 157 -5.10 32.45 -10.31
CA GLN A 157 -5.23 31.98 -11.67
C GLN A 157 -5.44 30.47 -11.75
N HIS A 158 -5.17 29.72 -10.68
CA HIS A 158 -5.17 28.27 -10.75
C HIS A 158 -5.62 27.70 -9.42
N VAL A 159 -6.69 26.90 -9.46
CA VAL A 159 -7.36 26.31 -8.31
C VAL A 159 -7.31 24.80 -8.42
N LYS A 160 -7.23 24.12 -7.27
CA LYS A 160 -7.15 22.67 -7.27
C LYS A 160 -8.07 22.08 -6.20
N ILE A 161 -8.28 20.74 -6.31
CA ILE A 161 -9.23 19.96 -5.53
C ILE A 161 -8.46 19.09 -4.53
N THR A 162 -9.09 18.79 -3.39
CA THR A 162 -8.40 18.07 -2.33
C THR A 162 -9.40 17.49 -1.35
N ASP A 163 -8.89 16.62 -0.48
CA ASP A 163 -9.53 15.83 0.60
C ASP A 163 -10.29 14.63 0.08
N PHE A 164 -9.55 13.56 -0.18
CA PHE A 164 -10.10 12.31 -0.64
C PHE A 164 -10.27 11.34 0.51
N GLY A 165 -10.38 11.87 1.73
CA GLY A 165 -10.65 11.02 2.88
C GLY A 165 -11.93 10.25 2.72
N LEU A 166 -12.92 10.83 2.01
CA LEU A 166 -14.20 10.21 1.75
C LEU A 166 -14.34 9.63 0.35
N ALA A 167 -13.49 10.02 -0.59
CA ALA A 167 -13.48 9.42 -1.93
C ALA A 167 -13.57 7.90 -1.87
N LYS A 168 -14.40 7.32 -2.74
CA LYS A 168 -14.51 5.88 -2.88
C LYS A 168 -14.42 5.48 -4.36
N LEU A 169 -13.85 4.31 -4.63
CA LEU A 169 -13.65 3.89 -6.02
C LEU A 169 -14.77 2.95 -6.45
N LEU A 170 -15.10 3.01 -7.74
CA LEU A 170 -16.06 2.11 -8.34
C LEU A 170 -15.33 0.95 -8.99
N GLY A 171 -15.89 -0.25 -8.85
CA GLY A 171 -15.52 -1.31 -9.76
C GLY A 171 -15.96 -0.97 -11.18
N ALA A 172 -15.48 -1.78 -12.13
CA ALA A 172 -15.98 -1.68 -13.49
C ALA A 172 -17.44 -2.08 -13.58
N GLU A 173 -17.89 -2.98 -12.70
CA GLU A 173 -19.23 -3.54 -12.79
C GLU A 173 -20.28 -2.59 -12.24
N GLU A 174 -20.18 -2.22 -10.97
CA GLU A 174 -21.19 -1.39 -10.35
C GLU A 174 -21.03 0.04 -10.86
N LYS A 175 -22.17 0.71 -11.05
CA LYS A 175 -22.18 2.08 -11.53
C LYS A 175 -22.35 3.10 -10.40
N GLU A 176 -22.70 2.62 -9.19
CA GLU A 176 -22.94 3.44 -8.02
C GLU A 176 -22.26 2.79 -6.82
N TYR A 177 -21.93 3.62 -5.83
CA TYR A 177 -21.39 3.15 -4.56
C TYR A 177 -22.35 3.48 -3.42
N HIS A 178 -22.41 2.60 -2.43
CA HIS A 178 -23.26 2.76 -1.26
C HIS A 178 -22.43 2.48 -0.02
N ALA A 179 -22.27 3.48 0.84
CA ALA A 179 -21.69 3.29 2.16
C ALA A 179 -22.81 3.15 3.19
N GLU A 180 -22.42 2.95 4.44
CA GLU A 180 -23.37 2.95 5.53
C GLU A 180 -22.89 3.92 6.58
N GLY A 181 -23.83 4.54 7.28
CA GLY A 181 -23.49 5.50 8.29
C GLY A 181 -22.61 6.63 7.79
N GLY A 182 -21.34 6.64 8.22
CA GLY A 182 -20.45 7.75 7.92
C GLY A 182 -20.95 9.06 8.49
N LYS A 183 -20.11 10.10 8.49
CA LYS A 183 -20.54 11.44 8.87
C LYS A 183 -20.19 12.36 7.72
N VAL A 184 -21.21 12.85 7.01
CA VAL A 184 -21.03 13.59 5.76
C VAL A 184 -21.81 14.91 5.85
N PRO A 185 -21.28 16.06 5.29
CA PRO A 185 -21.96 17.34 5.48
C PRO A 185 -23.20 17.42 4.63
N ILE A 186 -24.37 17.44 5.28
CA ILE A 186 -25.62 17.14 4.59
C ILE A 186 -25.92 18.15 3.50
N LYS A 187 -25.38 19.37 3.61
CA LYS A 187 -25.82 20.47 2.77
C LYS A 187 -25.21 20.44 1.38
N TRP A 188 -24.20 19.60 1.18
CA TRP A 188 -23.52 19.50 -0.11
C TRP A 188 -23.90 18.25 -0.92
N MET A 189 -24.78 17.39 -0.39
CA MET A 189 -25.01 16.04 -0.89
C MET A 189 -26.35 15.91 -1.62
N ALA A 190 -26.34 15.16 -2.73
CA ALA A 190 -27.55 14.91 -3.50
C ALA A 190 -28.62 14.23 -2.63
N LEU A 191 -29.88 14.34 -3.07
CA LEU A 191 -31.00 13.84 -2.25
C LEU A 191 -30.96 12.32 -2.06
N GLU A 192 -30.49 11.59 -3.08
CA GLU A 192 -30.46 10.13 -2.95
C GLU A 192 -29.40 9.70 -1.96
N SER A 193 -28.36 10.52 -1.79
CA SER A 193 -27.29 10.20 -0.86
C SER A 193 -27.74 10.45 0.57
N ILE A 194 -28.50 11.52 0.78
CA ILE A 194 -29.12 11.75 2.07
C ILE A 194 -30.06 10.60 2.41
N LEU A 195 -30.84 10.15 1.42
CA LEU A 195 -31.99 9.28 1.68
C LEU A 195 -31.71 7.80 1.52
N HIS A 196 -30.77 7.41 0.64
CA HIS A 196 -30.42 6.01 0.43
C HIS A 196 -28.94 5.72 0.63
N ARG A 197 -28.15 6.71 1.04
CA ARG A 197 -26.70 6.60 1.14
C ARG A 197 -26.09 6.07 -0.16
N ILE A 198 -26.80 6.29 -1.26
CA ILE A 198 -26.28 6.00 -2.59
C ILE A 198 -25.36 7.13 -3.01
N TYR A 199 -24.31 6.81 -3.74
CA TYR A 199 -23.45 7.80 -4.37
C TYR A 199 -23.09 7.39 -5.79
N THR A 200 -22.74 8.39 -6.57
CA THR A 200 -22.33 8.24 -7.96
C THR A 200 -21.90 9.63 -8.41
N HIS A 201 -21.26 9.68 -9.57
CA HIS A 201 -20.80 10.97 -10.07
C HIS A 201 -21.96 11.96 -10.17
N GLN A 202 -23.13 11.49 -10.59
CA GLN A 202 -24.29 12.36 -10.67
C GLN A 202 -24.71 12.91 -9.33
N SER A 203 -24.38 12.22 -8.23
CA SER A 203 -24.50 12.84 -6.92
C SER A 203 -23.42 13.89 -6.67
N ASP A 204 -22.27 13.77 -7.36
CA ASP A 204 -21.17 14.73 -7.22
C ASP A 204 -21.37 15.96 -8.09
N VAL A 205 -22.10 15.83 -9.19
CA VAL A 205 -22.52 17.01 -9.93
C VAL A 205 -23.39 17.91 -9.04
N TRP A 206 -24.30 17.32 -8.26
CA TRP A 206 -25.04 18.07 -7.25
C TRP A 206 -24.09 18.76 -6.27
N SER A 207 -23.04 18.07 -5.83
CA SER A 207 -22.08 18.69 -4.93
C SER A 207 -21.41 19.88 -5.61
N TYR A 208 -20.80 19.63 -6.78
CA TYR A 208 -20.33 20.68 -7.66
C TYR A 208 -21.33 21.82 -7.72
N GLY A 209 -22.60 21.47 -7.87
CA GLY A 209 -23.65 22.47 -7.88
C GLY A 209 -23.62 23.37 -6.67
N VAL A 210 -23.58 22.78 -5.47
CA VAL A 210 -23.54 23.60 -4.27
C VAL A 210 -22.25 24.38 -4.21
N THR A 211 -21.15 23.82 -4.72
CA THR A 211 -19.86 24.52 -4.70
C THR A 211 -19.90 25.83 -5.49
N VAL A 212 -20.68 25.87 -6.58
CA VAL A 212 -20.74 27.11 -7.35
C VAL A 212 -21.51 28.18 -6.57
N TRP A 213 -22.73 27.83 -6.13
CA TRP A 213 -23.52 28.72 -5.29
C TRP A 213 -22.72 29.24 -4.10
N GLU A 214 -21.89 28.40 -3.49
CA GLU A 214 -20.90 28.87 -2.54
C GLU A 214 -20.04 29.99 -3.14
N LEU A 215 -19.47 29.73 -4.32
CA LEU A 215 -18.62 30.74 -4.95
C LEU A 215 -19.41 31.97 -5.38
N MET A 216 -20.59 31.75 -5.99
CA MET A 216 -21.31 32.84 -6.65
C MET A 216 -21.84 33.86 -5.66
N THR A 217 -21.99 33.49 -4.39
CA THR A 217 -22.41 34.42 -3.36
C THR A 217 -21.23 34.94 -2.54
N PHE A 218 -20.01 34.64 -2.97
CA PHE A 218 -18.78 35.01 -2.24
C PHE A 218 -18.72 34.33 -0.87
N GLY A 219 -19.05 33.03 -0.83
CA GLY A 219 -18.89 32.21 0.35
C GLY A 219 -19.98 32.28 1.41
N SER A 220 -21.24 32.07 1.07
CA SER A 220 -22.30 32.05 2.07
C SER A 220 -22.52 30.65 2.64
N LYS A 221 -23.30 30.58 3.72
CA LYS A 221 -23.72 29.28 4.26
C LYS A 221 -24.96 28.78 3.49
N PRO A 222 -24.87 27.66 2.77
CA PRO A 222 -26.07 27.13 2.11
C PRO A 222 -27.12 26.75 3.12
N TYR A 223 -28.37 27.08 2.81
CA TYR A 223 -29.50 26.78 3.69
C TYR A 223 -29.17 27.28 5.11
N ASP A 224 -28.65 28.50 5.19
CA ASP A 224 -27.85 28.94 6.34
C ASP A 224 -28.52 28.62 7.68
N GLY A 225 -29.68 29.22 7.92
CA GLY A 225 -30.37 28.98 9.18
C GLY A 225 -30.88 27.56 9.31
N ILE A 226 -31.19 26.93 8.18
CA ILE A 226 -31.76 25.57 8.18
C ILE A 226 -30.78 24.61 8.85
N PRO A 227 -31.22 23.79 9.80
CA PRO A 227 -30.35 22.74 10.32
C PRO A 227 -30.36 21.53 9.39
N ALA A 228 -29.40 20.63 9.64
CA ALA A 228 -29.14 19.52 8.70
C ALA A 228 -30.38 18.65 8.49
N SER A 229 -31.20 18.48 9.53
CA SER A 229 -32.27 17.50 9.47
C SER A 229 -33.35 17.85 8.46
N GLU A 230 -33.64 19.14 8.27
CA GLU A 230 -34.78 19.54 7.45
C GLU A 230 -34.50 19.42 5.96
N ILE A 231 -33.23 19.30 5.57
CA ILE A 231 -32.87 19.52 4.18
C ILE A 231 -33.43 18.44 3.28
N SER A 232 -33.49 17.21 3.79
CA SER A 232 -34.22 16.16 3.08
C SER A 232 -35.63 16.62 2.77
N SER A 233 -36.35 17.10 3.79
CA SER A 233 -37.71 17.57 3.61
C SER A 233 -37.75 18.67 2.56
N ILE A 234 -36.96 19.73 2.77
CA ILE A 234 -37.10 20.93 1.94
C ILE A 234 -36.72 20.66 0.48
N LEU A 235 -35.77 19.76 0.24
CA LEU A 235 -35.40 19.42 -1.13
C LEU A 235 -36.53 18.66 -1.83
N GLU A 236 -37.04 17.61 -1.16
CA GLU A 236 -38.20 16.88 -1.64
C GLU A 236 -39.33 17.81 -2.02
N LYS A 237 -39.56 18.85 -1.22
CA LYS A 237 -40.64 19.79 -1.44
C LYS A 237 -40.33 20.78 -2.56
N GLY A 238 -39.07 20.88 -2.97
CA GLY A 238 -38.73 21.70 -4.11
C GLY A 238 -38.03 23.00 -3.79
N GLU A 239 -37.89 23.35 -2.52
CA GLU A 239 -36.97 24.44 -2.17
C GLU A 239 -35.59 24.11 -2.71
N ARG A 240 -34.91 25.13 -3.23
CA ARG A 240 -33.49 25.00 -3.52
C ARG A 240 -32.78 26.26 -3.03
N LEU A 241 -31.53 26.40 -3.41
CA LEU A 241 -30.82 27.62 -3.05
C LEU A 241 -31.24 28.77 -3.95
N PRO A 242 -31.35 29.99 -3.41
CA PRO A 242 -31.85 31.12 -4.22
C PRO A 242 -30.91 31.54 -5.33
N GLN A 243 -31.25 32.55 -6.07
CA GLN A 243 -30.30 32.96 -7.11
C GLN A 243 -29.27 33.92 -6.53
N PRO A 244 -27.98 33.68 -6.75
CA PRO A 244 -26.98 34.72 -6.45
C PRO A 244 -27.28 35.99 -7.22
N PRO A 245 -27.15 37.15 -6.58
CA PRO A 245 -27.46 38.40 -7.29
C PRO A 245 -26.54 38.65 -8.47
N ILE A 246 -25.25 38.32 -8.29
CA ILE A 246 -24.23 38.43 -9.33
C ILE A 246 -24.59 37.61 -10.57
N CYS A 247 -25.43 36.59 -10.39
CA CYS A 247 -25.67 35.57 -11.40
C CYS A 247 -26.72 35.99 -12.41
N THR A 248 -26.45 35.68 -13.68
CA THR A 248 -27.49 35.66 -14.69
C THR A 248 -28.36 34.41 -14.55
N ILE A 249 -29.49 34.41 -15.26
CA ILE A 249 -30.29 33.19 -15.25
C ILE A 249 -29.63 32.13 -16.11
N ASP A 250 -28.79 32.53 -17.06
CA ASP A 250 -28.03 31.54 -17.80
C ASP A 250 -27.15 30.73 -16.86
N VAL A 251 -26.47 31.41 -15.94
CA VAL A 251 -25.55 30.75 -15.01
C VAL A 251 -26.33 30.04 -13.89
N TYR A 252 -27.29 30.73 -13.27
CA TYR A 252 -28.03 30.11 -12.18
C TYR A 252 -28.86 28.94 -12.65
N MET A 253 -29.19 28.88 -13.94
CA MET A 253 -29.92 27.72 -14.46
C MET A 253 -29.09 26.45 -14.34
N ILE A 254 -27.78 26.60 -14.52
CA ILE A 254 -26.89 25.46 -14.48
C ILE A 254 -26.82 24.86 -13.07
N MET A 255 -26.76 25.71 -12.03
CA MET A 255 -26.87 25.20 -10.65
C MET A 255 -28.23 24.58 -10.39
N VAL A 256 -29.29 25.04 -11.07
CA VAL A 256 -30.59 24.41 -10.93
C VAL A 256 -30.56 23.03 -11.57
N LYS A 257 -30.02 22.94 -12.79
CA LYS A 257 -29.96 21.65 -13.47
C LYS A 257 -29.10 20.65 -12.72
N CYS A 258 -28.32 21.10 -11.72
CA CYS A 258 -27.52 20.21 -10.86
C CYS A 258 -28.36 19.67 -9.71
N TRP A 259 -29.17 20.52 -9.06
CA TRP A 259 -29.98 20.06 -7.92
C TRP A 259 -31.28 19.45 -8.40
N MET A 260 -31.25 18.94 -9.63
CA MET A 260 -32.39 18.21 -10.17
C MET A 260 -32.50 16.87 -9.45
N ILE A 261 -33.74 16.46 -9.15
CA ILE A 261 -33.92 15.24 -8.35
C ILE A 261 -33.41 14.02 -9.12
N ASP A 262 -33.81 13.88 -10.39
CA ASP A 262 -33.36 12.73 -11.19
C ASP A 262 -31.88 12.92 -11.54
N ALA A 263 -31.05 11.94 -11.15
CA ALA A 263 -29.59 12.06 -11.23
C ALA A 263 -29.06 12.05 -12.67
N ASP A 264 -29.79 11.45 -13.59
CA ASP A 264 -29.36 11.47 -14.99
C ASP A 264 -29.90 12.67 -15.73
N SER A 265 -31.07 13.16 -15.32
CA SER A 265 -31.47 14.50 -15.70
C SER A 265 -30.33 15.48 -15.47
N ARG A 266 -29.64 15.40 -14.30
CA ARG A 266 -28.51 16.28 -13.98
C ARG A 266 -27.42 16.25 -15.06
N PRO A 267 -26.55 17.26 -15.12
CA PRO A 267 -25.56 17.33 -16.21
C PRO A 267 -24.23 16.64 -15.90
N LYS A 268 -23.65 16.01 -16.92
CA LYS A 268 -22.36 15.36 -16.77
C LYS A 268 -21.25 16.40 -16.72
N PHE A 269 -20.17 16.07 -16.00
CA PHE A 269 -19.07 17.02 -15.89
C PHE A 269 -18.48 17.39 -17.25
N ARG A 270 -18.41 16.42 -18.17
CA ARG A 270 -17.93 16.71 -19.51
C ARG A 270 -18.69 17.91 -20.10
N GLU A 271 -20.02 17.91 -19.98
CA GLU A 271 -20.84 19.04 -20.39
C GLU A 271 -20.49 20.28 -19.58
N LEU A 272 -20.39 20.15 -18.25
CA LEU A 272 -20.14 21.32 -17.41
C LEU A 272 -18.88 22.06 -17.84
N ILE A 273 -17.86 21.32 -18.31
CA ILE A 273 -16.63 21.97 -18.78
C ILE A 273 -16.91 22.87 -19.96
N ILE A 274 -17.56 22.33 -21.01
CA ILE A 274 -17.85 23.14 -22.19
C ILE A 274 -18.79 24.30 -21.83
N GLU A 275 -19.86 24.02 -21.08
CA GLU A 275 -20.83 25.07 -20.79
C GLU A 275 -20.20 26.22 -20.02
N PHE A 276 -19.23 25.94 -19.18
CA PHE A 276 -18.60 27.04 -18.48
C PHE A 276 -17.40 27.61 -19.23
N SER A 277 -16.79 26.85 -20.13
CA SER A 277 -15.67 27.38 -20.88
C SER A 277 -16.13 28.38 -21.94
N LYS A 278 -17.25 28.08 -22.62
CA LYS A 278 -17.89 29.09 -23.45
C LYS A 278 -18.15 30.34 -22.61
N MET A 279 -18.84 30.17 -21.48
CA MET A 279 -19.28 31.28 -20.66
C MET A 279 -18.13 32.22 -20.32
N ALA A 280 -16.91 31.67 -20.18
CA ALA A 280 -15.72 32.46 -19.93
C ALA A 280 -15.14 33.08 -21.19
N ARG A 281 -15.75 32.84 -22.36
CA ARG A 281 -15.32 33.56 -23.55
C ARG A 281 -15.96 34.94 -23.62
N ASP A 282 -17.13 35.13 -22.97
CA ASP A 282 -17.82 36.42 -22.91
C ASP A 282 -18.25 36.72 -21.47
N PRO A 283 -17.31 36.66 -20.52
CA PRO A 283 -17.67 36.56 -19.08
C PRO A 283 -18.54 37.68 -18.55
N GLN A 284 -18.32 38.93 -18.98
CA GLN A 284 -19.19 40.04 -18.61
C GLN A 284 -20.64 39.70 -18.91
N ARG A 285 -20.88 38.93 -19.97
CA ARG A 285 -22.24 38.65 -20.42
C ARG A 285 -23.01 37.74 -19.47
N TYR A 286 -22.35 36.76 -18.87
CA TYR A 286 -23.08 35.81 -18.02
C TYR A 286 -22.99 36.13 -16.54
N LEU A 287 -22.12 37.05 -16.13
CA LEU A 287 -22.05 37.46 -14.74
C LEU A 287 -21.96 38.98 -14.65
N VAL A 288 -22.54 39.53 -13.58
CA VAL A 288 -22.75 40.97 -13.43
C VAL A 288 -22.27 41.38 -12.04
N ILE A 289 -21.11 42.01 -11.97
CA ILE A 289 -20.54 42.43 -10.69
C ILE A 289 -20.15 43.89 -10.81
N GLN A 290 -20.76 44.77 -10.01
CA GLN A 290 -20.43 46.18 -10.17
C GLN A 290 -18.95 46.40 -9.85
N GLY A 291 -18.25 47.02 -10.80
CA GLY A 291 -16.81 47.16 -10.75
C GLY A 291 -16.10 46.27 -11.74
N ASP A 292 -16.81 45.30 -12.31
CA ASP A 292 -16.21 44.16 -13.00
C ASP A 292 -15.26 44.56 -14.11
N GLU A 293 -15.47 45.73 -14.73
CA GLU A 293 -14.49 46.22 -15.68
C GLU A 293 -13.14 46.45 -15.00
N ARG A 294 -13.16 46.84 -13.72
CA ARG A 294 -11.99 47.36 -13.01
C ARG A 294 -11.08 46.24 -12.51
N MET A 295 -11.64 45.26 -11.80
CA MET A 295 -10.82 44.21 -11.17
C MET A 295 -9.88 43.58 -12.16
N ASP A 320 14.17 27.44 -2.21
CA ASP A 320 12.75 27.00 -2.25
C ASP A 320 12.21 26.67 -3.64
N ALA A 321 11.24 25.76 -3.70
CA ALA A 321 10.74 25.21 -4.95
C ALA A 321 9.27 24.84 -4.76
N ASP A 322 8.74 23.95 -5.64
CA ASP A 322 7.30 23.71 -5.62
C ASP A 322 6.99 22.38 -6.34
N GLU A 323 5.80 22.30 -6.94
CA GLU A 323 5.50 21.37 -8.03
C GLU A 323 6.21 21.75 -9.33
N TYR A 324 7.08 22.75 -9.29
CA TYR A 324 8.09 22.89 -10.31
C TYR A 324 9.20 21.87 -10.15
N LEU A 325 9.32 21.25 -8.95
CA LEU A 325 10.28 20.17 -8.68
C LEU A 325 9.86 18.84 -9.30
N ILE A 326 8.58 18.64 -9.58
CA ILE A 326 8.07 17.38 -10.11
C ILE A 326 8.66 17.09 -11.50
N PRO A 327 8.62 18.01 -12.48
CA PRO A 327 9.41 17.64 -13.67
C PRO A 327 10.82 18.24 -13.69
N GLU B 5 -8.78 -36.65 16.41
CA GLU B 5 -8.33 -36.07 15.15
C GLU B 5 -8.17 -37.14 14.05
N ALA B 6 -7.01 -37.15 13.40
CA ALA B 6 -6.61 -38.03 12.32
C ALA B 6 -5.21 -38.58 12.58
N PRO B 7 -4.89 -39.77 12.06
CA PRO B 7 -3.56 -40.36 12.32
C PRO B 7 -2.46 -39.58 11.61
N ASN B 8 -1.43 -39.22 12.37
CA ASN B 8 -0.30 -38.51 11.77
C ASN B 8 0.66 -39.56 11.20
N GLN B 9 0.28 -40.11 10.05
CA GLN B 9 1.08 -41.13 9.38
C GLN B 9 2.34 -40.52 8.79
N ALA B 10 2.95 -39.61 9.54
CA ALA B 10 4.17 -38.95 9.10
C ALA B 10 5.35 -39.90 9.29
N LEU B 11 6.31 -39.83 8.37
CA LEU B 11 7.45 -40.72 8.43
C LEU B 11 8.71 -40.00 8.89
N LEU B 12 9.54 -40.74 9.64
CA LEU B 12 10.74 -40.25 10.31
C LEU B 12 11.88 -41.20 9.95
N ARG B 13 12.78 -40.74 9.08
CA ARG B 13 13.94 -41.51 8.68
C ARG B 13 15.09 -41.28 9.67
N ILE B 14 15.84 -42.35 9.96
CA ILE B 14 17.00 -42.25 10.84
C ILE B 14 18.24 -42.47 9.98
N LEU B 15 18.95 -41.39 9.68
CA LEU B 15 20.17 -41.55 8.93
C LEU B 15 21.36 -41.73 9.85
N LYS B 16 22.38 -42.39 9.32
CA LYS B 16 23.60 -42.66 10.06
C LYS B 16 24.61 -41.55 9.78
N GLU B 17 25.34 -41.12 10.82
CA GLU B 17 26.22 -39.95 10.70
C GLU B 17 27.25 -40.11 9.58
N THR B 18 27.48 -41.33 9.11
CA THR B 18 28.40 -41.60 8.01
C THR B 18 27.74 -41.50 6.63
N GLU B 19 26.44 -41.18 6.56
CA GLU B 19 25.72 -40.94 5.31
C GLU B 19 25.84 -39.50 4.84
N PHE B 20 25.69 -38.52 5.74
CA PHE B 20 25.76 -37.10 5.43
C PHE B 20 27.10 -36.48 5.81
N LYS B 21 27.49 -35.44 5.07
CA LYS B 21 28.78 -34.79 5.23
C LYS B 21 28.59 -33.30 5.39
N LYS B 22 29.12 -32.72 6.47
CA LYS B 22 29.02 -31.28 6.66
C LYS B 22 30.05 -30.59 5.78
N ILE B 23 29.59 -29.72 4.88
CA ILE B 23 30.50 -29.05 3.97
C ILE B 23 31.02 -27.78 4.65
N LYS B 24 30.14 -26.81 4.87
CA LYS B 24 30.44 -25.57 5.56
C LYS B 24 29.27 -25.18 6.45
N VAL B 25 29.54 -24.27 7.40
CA VAL B 25 28.55 -23.78 8.34
C VAL B 25 27.74 -22.65 7.70
N LEU B 26 26.44 -22.64 7.96
CA LEU B 26 25.53 -21.60 7.48
C LEU B 26 25.26 -20.60 8.61
N GLY B 27 24.43 -20.97 9.58
CA GLY B 27 24.22 -20.15 10.76
C GLY B 27 24.89 -20.75 11.98
N SER B 28 24.87 -19.98 13.08
CA SER B 28 25.24 -20.54 14.38
C SER B 28 24.47 -19.79 15.46
N GLY B 29 24.36 -20.44 16.61
CA GLY B 29 23.61 -19.88 17.72
C GLY B 29 24.17 -20.38 19.02
N ALA B 30 23.53 -19.99 20.12
CA ALA B 30 23.97 -20.43 21.43
C ALA B 30 23.88 -21.96 21.48
N PHE B 31 22.67 -22.50 21.62
CA PHE B 31 22.44 -23.92 21.39
C PHE B 31 22.13 -24.09 19.91
N GLY B 32 22.79 -25.03 19.26
CA GLY B 32 22.53 -25.30 17.86
C GLY B 32 23.45 -24.56 16.91
N THR B 33 23.45 -25.03 15.65
CA THR B 33 24.28 -24.57 14.54
C THR B 33 23.84 -25.31 13.27
N VAL B 34 23.97 -24.65 12.12
CA VAL B 34 23.38 -25.13 10.87
C VAL B 34 24.43 -25.20 9.78
N TYR B 35 24.55 -26.35 9.12
CA TYR B 35 25.61 -26.55 8.15
C TYR B 35 25.03 -26.85 6.78
N LYS B 36 25.83 -26.58 5.76
CA LYS B 36 25.54 -27.04 4.41
C LYS B 36 26.13 -28.44 4.27
N GLY B 37 25.31 -29.37 3.79
CA GLY B 37 25.70 -30.77 3.76
C GLY B 37 25.26 -31.46 2.48
N LEU B 38 26.04 -32.46 2.11
CA LEU B 38 25.72 -33.39 1.04
C LEU B 38 25.31 -34.74 1.63
N TRP B 39 24.18 -35.27 1.20
CA TRP B 39 23.69 -36.57 1.63
C TRP B 39 23.94 -37.61 0.53
N ILE B 40 24.65 -38.69 0.88
CA ILE B 40 24.88 -39.81 -0.02
C ILE B 40 24.20 -41.05 0.57
N PRO B 41 23.01 -41.44 0.06
CA PRO B 41 22.14 -42.36 0.80
C PRO B 41 22.18 -43.82 0.34
N GLU B 42 22.53 -44.76 1.23
CA GLU B 42 22.34 -46.21 1.03
C GLU B 42 22.99 -46.72 -0.25
N GLY B 43 24.20 -46.22 -0.57
CA GLY B 43 24.89 -46.70 -1.76
C GLY B 43 24.19 -46.51 -3.11
N GLU B 44 23.82 -45.26 -3.40
CA GLU B 44 23.34 -44.85 -4.72
C GLU B 44 24.39 -43.97 -5.37
N LYS B 45 24.18 -43.68 -6.65
CA LYS B 45 25.08 -42.76 -7.33
C LYS B 45 24.72 -41.30 -7.06
N VAL B 46 23.56 -41.04 -6.42
CA VAL B 46 23.02 -39.69 -6.24
C VAL B 46 23.60 -39.03 -5.00
N LYS B 47 23.76 -37.71 -5.07
CA LYS B 47 24.12 -36.88 -3.93
C LYS B 47 23.11 -35.75 -3.85
N ILE B 48 22.50 -35.57 -2.68
CA ILE B 48 21.38 -34.65 -2.48
C ILE B 48 21.85 -33.51 -1.58
N PRO B 49 21.61 -32.24 -1.94
CA PRO B 49 21.97 -31.16 -1.02
C PRO B 49 21.00 -31.10 0.17
N VAL B 50 21.56 -30.81 1.36
CA VAL B 50 20.80 -30.78 2.60
C VAL B 50 21.43 -29.79 3.59
N ALA B 51 20.67 -29.41 4.62
CA ALA B 51 21.15 -28.59 5.73
C ALA B 51 20.86 -29.30 7.06
N ILE B 52 21.86 -29.32 7.94
CA ILE B 52 21.90 -30.18 9.12
C ILE B 52 22.00 -29.30 10.36
N LYS B 53 21.07 -29.49 11.30
CA LYS B 53 21.04 -28.74 12.57
C LYS B 53 21.57 -29.64 13.68
N GLU B 54 22.61 -29.17 14.40
CA GLU B 54 23.29 -29.98 15.41
C GLU B 54 23.18 -29.26 16.76
N LEU B 55 22.62 -29.95 17.76
CA LEU B 55 22.68 -29.46 19.13
C LEU B 55 24.13 -29.28 19.57
N ARG B 56 24.45 -28.07 20.03
CA ARG B 56 25.85 -27.77 20.29
C ARG B 56 26.39 -28.66 21.41
N GLU B 57 25.56 -28.94 22.42
CA GLU B 57 25.90 -29.93 23.46
C GLU B 57 24.95 -31.13 23.40
N ALA B 58 25.50 -32.31 23.67
CA ALA B 58 24.85 -33.60 23.48
C ALA B 58 24.09 -34.09 24.70
N THR B 59 24.28 -33.43 25.85
CA THR B 59 23.60 -33.76 27.10
C THR B 59 22.94 -32.48 27.61
N SER B 60 21.70 -32.30 27.22
CA SER B 60 20.89 -31.24 27.81
C SER B 60 19.45 -31.66 27.61
N PRO B 61 18.83 -32.28 28.61
CA PRO B 61 17.51 -32.88 28.39
C PRO B 61 16.41 -31.88 28.09
N LYS B 62 16.52 -30.62 28.54
CA LYS B 62 15.57 -29.61 28.05
C LYS B 62 15.88 -29.26 26.60
N ALA B 63 17.17 -29.11 26.26
CA ALA B 63 17.53 -28.89 24.86
C ALA B 63 17.15 -30.10 23.99
N ASN B 64 17.41 -31.33 24.48
CA ASN B 64 17.03 -32.53 23.72
C ASN B 64 15.51 -32.66 23.57
N LYS B 65 14.74 -32.27 24.59
CA LYS B 65 13.29 -32.20 24.40
C LYS B 65 12.96 -31.30 23.23
N GLU B 66 13.58 -30.10 23.18
CA GLU B 66 13.23 -29.10 22.17
C GLU B 66 13.48 -29.62 20.75
N ILE B 67 14.73 -30.07 20.50
CA ILE B 67 15.19 -30.47 19.16
C ILE B 67 14.35 -31.59 18.59
N LEU B 68 13.70 -32.40 19.44
CA LEU B 68 12.81 -33.43 18.92
C LEU B 68 11.44 -32.89 18.57
N ASP B 69 10.89 -31.99 19.40
CA ASP B 69 9.65 -31.35 19.02
C ASP B 69 9.79 -30.69 17.66
N GLU B 70 10.93 -30.04 17.41
CA GLU B 70 11.16 -29.45 16.08
C GLU B 70 11.25 -30.53 15.00
N ALA B 71 11.96 -31.62 15.26
CA ALA B 71 11.92 -32.76 14.34
C ALA B 71 10.48 -33.18 14.12
N TYR B 72 9.68 -33.18 15.18
CA TYR B 72 8.29 -33.59 15.06
C TYR B 72 7.54 -32.70 14.09
N VAL B 73 7.68 -31.38 14.22
CA VAL B 73 6.89 -30.46 13.39
C VAL B 73 7.41 -30.49 11.94
N MET B 74 8.73 -30.46 11.75
CA MET B 74 9.32 -30.46 10.40
C MET B 74 8.95 -31.72 9.61
N ALA B 75 8.73 -32.84 10.33
CA ALA B 75 8.30 -34.12 9.76
C ALA B 75 6.80 -34.16 9.53
N SER B 76 6.05 -33.40 10.32
CA SER B 76 4.63 -33.24 10.07
C SER B 76 4.37 -32.32 8.89
N VAL B 77 5.32 -31.44 8.57
CA VAL B 77 5.17 -30.48 7.48
C VAL B 77 5.15 -31.20 6.15
N ASP B 78 4.02 -31.13 5.46
CA ASP B 78 3.84 -31.76 4.15
C ASP B 78 3.12 -30.73 3.33
N ASN B 79 3.88 -29.86 2.67
CA ASN B 79 3.32 -28.84 1.79
C ASN B 79 4.31 -28.61 0.68
N PRO B 80 3.87 -28.23 -0.51
CA PRO B 80 4.78 -28.12 -1.65
C PRO B 80 5.71 -26.94 -1.58
N HIS B 81 5.59 -26.08 -0.58
CA HIS B 81 6.37 -24.85 -0.55
C HIS B 81 7.03 -24.64 0.81
N VAL B 82 6.99 -25.66 1.66
CA VAL B 82 7.81 -25.75 2.85
C VAL B 82 8.70 -26.99 2.67
N CYS B 83 9.99 -26.83 2.96
CA CYS B 83 10.98 -27.90 2.77
C CYS B 83 10.64 -29.13 3.62
N ARG B 84 10.89 -30.31 3.06
CA ARG B 84 10.65 -31.51 3.84
C ARG B 84 11.82 -31.74 4.79
N LEU B 85 11.57 -32.61 5.77
CA LEU B 85 12.60 -33.02 6.72
C LEU B 85 13.10 -34.41 6.31
N LEU B 86 14.28 -34.45 5.66
CA LEU B 86 14.76 -35.69 5.07
C LEU B 86 14.94 -36.78 6.10
N GLY B 87 15.35 -36.40 7.31
CA GLY B 87 15.52 -37.36 8.38
C GLY B 87 16.38 -36.87 9.53
N ILE B 88 16.17 -37.39 10.73
CA ILE B 88 17.02 -37.05 11.86
C ILE B 88 18.05 -38.15 12.07
N CYS B 89 18.97 -37.92 12.98
CA CYS B 89 20.10 -38.81 13.17
C CYS B 89 20.51 -38.72 14.62
N LEU B 90 20.42 -39.85 15.34
CA LEU B 90 20.57 -39.86 16.80
C LEU B 90 22.02 -40.11 17.21
N THR B 91 22.86 -39.14 16.90
CA THR B 91 24.12 -39.04 17.59
C THR B 91 23.83 -38.62 19.03
N SER B 92 24.91 -38.50 19.81
CA SER B 92 24.93 -37.75 21.06
C SER B 92 24.31 -36.37 20.86
N THR B 93 25.00 -35.53 20.08
CA THR B 93 24.42 -34.35 19.47
C THR B 93 23.40 -34.78 18.40
N VAL B 94 22.11 -34.59 18.68
CA VAL B 94 21.07 -34.96 17.73
C VAL B 94 21.11 -34.03 16.53
N GLN B 95 20.96 -34.59 15.33
CA GLN B 95 21.06 -33.83 14.09
C GLN B 95 19.75 -33.94 13.32
N LEU B 96 19.31 -32.83 12.73
CA LEU B 96 18.16 -32.78 11.82
C LEU B 96 18.63 -32.50 10.40
N ILE B 97 18.18 -33.30 9.45
CA ILE B 97 18.44 -33.04 8.05
C ILE B 97 17.17 -32.54 7.38
N MET B 98 17.12 -31.23 7.10
CA MET B 98 16.15 -30.62 6.20
C MET B 98 16.76 -30.70 4.80
N GLN B 99 15.92 -30.83 3.79
CA GLN B 99 16.45 -30.85 2.43
C GLN B 99 16.79 -29.45 1.92
N LEU B 100 17.67 -29.41 0.91
CA LEU B 100 17.94 -28.22 0.12
C LEU B 100 17.74 -28.47 -1.37
N MET B 101 17.64 -27.35 -2.10
CA MET B 101 17.38 -27.58 -3.50
C MET B 101 18.67 -27.46 -4.29
N PRO B 102 18.79 -28.31 -5.31
CA PRO B 102 20.02 -28.34 -6.10
C PRO B 102 20.36 -27.01 -6.76
N PHE B 103 19.36 -26.20 -7.10
CA PHE B 103 19.62 -24.93 -7.80
C PHE B 103 19.98 -23.78 -6.88
N GLY B 104 19.64 -23.88 -5.61
CA GLY B 104 20.06 -22.90 -4.64
C GLY B 104 18.90 -22.07 -4.16
N SER B 105 19.25 -20.99 -3.49
CA SER B 105 18.24 -20.08 -2.96
C SER B 105 17.77 -19.13 -4.05
N LEU B 106 16.55 -18.60 -3.85
CA LEU B 106 16.00 -17.60 -4.77
C LEU B 106 16.96 -16.44 -4.95
N LEU B 107 17.34 -15.79 -3.85
CA LEU B 107 18.12 -14.57 -3.93
C LEU B 107 19.30 -14.72 -4.88
N ASP B 108 20.08 -15.80 -4.73
CA ASP B 108 21.20 -16.02 -5.64
C ASP B 108 20.71 -16.25 -7.07
N TYR B 109 19.56 -16.91 -7.22
CA TYR B 109 18.97 -17.13 -8.54
C TYR B 109 18.52 -15.80 -9.16
N VAL B 110 17.65 -15.08 -8.45
CA VAL B 110 17.11 -13.82 -8.95
C VAL B 110 18.24 -12.86 -9.32
N ARG B 111 19.25 -12.73 -8.45
CA ARG B 111 20.39 -11.86 -8.80
C ARG B 111 21.05 -12.31 -10.10
N GLU B 112 21.21 -13.62 -10.31
CA GLU B 112 21.97 -14.08 -11.47
C GLU B 112 21.19 -14.06 -12.78
N HIS B 113 19.87 -13.89 -12.74
CA HIS B 113 18.99 -14.07 -13.90
C HIS B 113 18.12 -12.86 -14.19
N LYS B 114 18.47 -11.67 -13.69
CA LYS B 114 17.54 -10.55 -13.75
C LYS B 114 17.38 -9.99 -15.16
N ASP B 115 18.27 -10.34 -16.07
CA ASP B 115 18.07 -9.94 -17.46
C ASP B 115 17.23 -10.94 -18.25
N ASN B 116 16.81 -12.07 -17.64
CA ASN B 116 15.80 -12.88 -18.30
C ASN B 116 14.71 -13.37 -17.34
N ILE B 117 14.59 -12.81 -16.14
CA ILE B 117 13.45 -13.10 -15.28
C ILE B 117 12.28 -12.24 -15.73
N GLY B 118 11.09 -12.85 -15.81
CA GLY B 118 9.92 -12.19 -16.31
C GLY B 118 8.92 -11.84 -15.21
N SER B 119 7.82 -11.23 -15.65
CA SER B 119 6.80 -10.73 -14.72
C SER B 119 5.93 -11.86 -14.20
N GLN B 120 5.62 -12.84 -15.04
CA GLN B 120 4.77 -13.92 -14.60
C GLN B 120 5.46 -14.76 -13.56
N TYR B 121 6.78 -14.88 -13.67
CA TYR B 121 7.56 -15.59 -12.65
C TYR B 121 7.56 -14.85 -11.32
N LEU B 122 7.90 -13.57 -11.30
CA LEU B 122 7.98 -12.84 -10.04
C LEU B 122 6.67 -12.91 -9.25
N LEU B 123 5.54 -12.72 -9.92
CA LEU B 123 4.26 -12.78 -9.23
C LEU B 123 3.89 -14.22 -8.85
N ASN B 124 4.29 -15.18 -9.69
CA ASN B 124 4.07 -16.59 -9.40
C ASN B 124 4.87 -17.07 -8.20
N TRP B 125 5.98 -16.40 -7.85
CA TRP B 125 6.71 -16.80 -6.66
C TRP B 125 6.08 -16.19 -5.42
N CYS B 126 5.48 -15.01 -5.54
CA CYS B 126 4.82 -14.42 -4.39
C CYS B 126 3.67 -15.28 -3.92
N VAL B 127 2.97 -15.94 -4.84
CA VAL B 127 1.88 -16.80 -4.37
C VAL B 127 2.44 -18.05 -3.71
N GLN B 128 3.55 -18.58 -4.23
CA GLN B 128 4.14 -19.78 -3.65
C GLN B 128 4.70 -19.53 -2.25
N ILE B 129 5.35 -18.40 -2.04
CA ILE B 129 5.86 -18.04 -0.71
C ILE B 129 4.71 -17.78 0.25
N ALA B 130 3.65 -17.14 -0.22
CA ALA B 130 2.49 -16.85 0.62
C ALA B 130 1.65 -18.10 0.89
N LYS B 131 1.52 -18.97 -0.12
CA LYS B 131 0.89 -20.27 0.08
C LYS B 131 1.63 -21.07 1.14
N GLY B 132 2.96 -21.05 1.11
CA GLY B 132 3.74 -21.82 2.06
C GLY B 132 3.60 -21.30 3.48
N MET B 133 3.59 -19.98 3.66
CA MET B 133 3.42 -19.40 4.99
C MET B 133 1.99 -19.60 5.51
N ASN B 134 0.98 -19.34 4.70
CA ASN B 134 -0.37 -19.60 5.19
C ASN B 134 -0.59 -21.07 5.51
N TYR B 135 0.19 -21.98 4.91
CA TYR B 135 0.21 -23.36 5.39
C TYR B 135 0.76 -23.42 6.79
N LEU B 136 1.91 -22.78 6.99
CA LEU B 136 2.56 -22.76 8.31
C LEU B 136 1.69 -22.04 9.34
N GLU B 137 1.22 -20.84 8.98
CA GLU B 137 0.37 -20.09 9.89
C GLU B 137 -0.89 -20.87 10.21
N ASP B 138 -1.42 -21.63 9.24
CA ASP B 138 -2.54 -22.51 9.51
C ASP B 138 -2.27 -23.48 10.66
N ARG B 139 -1.03 -23.59 11.11
CA ARG B 139 -0.64 -24.62 12.06
C ARG B 139 -0.11 -24.03 13.36
N ARG B 140 -0.42 -22.76 13.64
CA ARG B 140 0.14 -22.06 14.79
C ARG B 140 1.67 -22.06 14.76
N LEU B 141 2.26 -22.23 13.56
CA LEU B 141 3.71 -22.17 13.38
C LEU B 141 4.16 -20.78 12.92
N VAL B 142 4.98 -20.12 13.74
CA VAL B 142 5.66 -18.89 13.37
C VAL B 142 7.01 -19.24 12.78
N HIS B 143 7.44 -18.50 11.77
CA HIS B 143 8.63 -18.91 11.04
C HIS B 143 9.90 -18.23 11.53
N ARG B 144 9.81 -16.93 11.84
CA ARG B 144 10.85 -16.11 12.47
C ARG B 144 12.06 -15.77 11.59
N ASP B 145 12.19 -16.34 10.39
CA ASP B 145 13.27 -15.90 9.52
C ASP B 145 12.91 -16.13 8.06
N LEU B 146 11.95 -15.38 7.53
CA LEU B 146 11.62 -15.45 6.11
C LEU B 146 12.49 -14.46 5.35
N ALA B 147 13.04 -14.90 4.23
CA ALA B 147 13.96 -14.06 3.45
C ALA B 147 14.25 -14.78 2.16
N ALA B 148 14.71 -14.03 1.17
CA ALA B 148 15.02 -14.62 -0.13
C ALA B 148 16.10 -15.73 -0.03
N ARG B 149 17.07 -15.59 0.89
CA ARG B 149 18.06 -16.64 1.12
C ARG B 149 17.43 -17.92 1.63
N ASN B 150 16.28 -17.82 2.30
CA ASN B 150 15.58 -18.98 2.85
C ASN B 150 14.39 -19.40 2.00
N VAL B 151 14.36 -19.01 0.72
CA VAL B 151 13.43 -19.58 -0.25
C VAL B 151 14.29 -20.22 -1.32
N LEU B 152 14.19 -21.54 -1.43
CA LEU B 152 15.05 -22.30 -2.31
C LEU B 152 14.31 -22.62 -3.61
N VAL B 153 15.09 -22.82 -4.68
CA VAL B 153 14.56 -23.00 -6.03
C VAL B 153 14.65 -24.48 -6.40
N LYS B 154 13.50 -25.16 -6.38
CA LYS B 154 13.40 -26.55 -6.85
C LYS B 154 13.50 -26.60 -8.37
N THR B 155 12.71 -25.76 -9.04
CA THR B 155 12.60 -25.48 -10.48
C THR B 155 12.04 -24.08 -10.61
N PRO B 156 12.48 -23.26 -11.62
CA PRO B 156 12.14 -21.84 -11.59
C PRO B 156 10.64 -21.57 -11.40
N GLN B 157 9.88 -22.67 -11.41
CA GLN B 157 8.44 -22.70 -11.26
C GLN B 157 8.00 -23.14 -9.87
N HIS B 158 8.92 -23.61 -9.04
CA HIS B 158 8.56 -24.18 -7.75
C HIS B 158 9.62 -23.71 -6.76
N VAL B 159 9.18 -23.12 -5.66
CA VAL B 159 10.10 -22.72 -4.61
C VAL B 159 9.51 -23.16 -3.28
N LYS B 160 10.38 -23.56 -2.37
CA LYS B 160 10.02 -23.93 -1.02
C LYS B 160 10.78 -23.03 -0.06
N ILE B 161 10.19 -22.77 1.10
CA ILE B 161 10.80 -21.95 2.13
C ILE B 161 11.36 -22.86 3.22
N THR B 162 12.65 -22.69 3.54
CA THR B 162 13.28 -23.55 4.53
C THR B 162 12.62 -23.34 5.89
N ASP B 163 12.40 -24.43 6.63
CA ASP B 163 11.65 -24.31 7.87
C ASP B 163 12.45 -24.72 9.11
N PHE B 164 13.68 -24.24 9.22
CA PHE B 164 14.38 -24.46 10.49
C PHE B 164 13.99 -23.35 11.48
N GLY B 165 13.97 -23.72 12.77
CA GLY B 165 13.71 -22.77 13.84
C GLY B 165 12.32 -22.17 13.86
N LEU B 166 11.33 -23.04 13.74
CA LEU B 166 9.92 -22.70 13.79
C LEU B 166 9.44 -22.62 15.24
N ALA B 167 8.38 -21.84 15.46
CA ALA B 167 7.95 -21.49 16.81
C ALA B 167 6.45 -21.71 16.97
N LYS B 168 6.07 -22.89 17.47
CA LYS B 168 4.66 -23.17 17.73
C LYS B 168 4.14 -22.38 18.94
N LEU B 169 2.86 -21.97 18.86
CA LEU B 169 2.16 -21.27 19.95
C LEU B 169 1.27 -22.28 20.67
N LEU B 170 1.87 -23.02 21.61
CA LEU B 170 1.27 -24.23 22.20
C LEU B 170 0.16 -23.89 23.20
N GLU B 174 0.42 -17.75 23.73
CA GLU B 174 -0.45 -17.91 22.57
C GLU B 174 -0.52 -16.72 21.63
N LYS B 175 -0.61 -15.51 22.19
CA LYS B 175 -0.52 -14.32 21.34
C LYS B 175 0.91 -13.93 21.01
N GLU B 176 1.91 -14.67 21.51
CA GLU B 176 3.31 -14.33 21.32
C GLU B 176 4.15 -15.60 21.50
N TYR B 177 5.44 -15.47 21.13
CA TYR B 177 6.50 -16.40 21.53
C TYR B 177 7.89 -15.85 21.21
N HIS B 178 8.74 -15.66 22.23
CA HIS B 178 9.98 -14.90 22.11
C HIS B 178 11.09 -15.72 21.45
N ALA B 179 12.28 -15.12 21.40
CA ALA B 179 13.44 -15.69 20.70
C ALA B 179 14.69 -14.85 20.96
N VAL B 184 21.01 -12.12 14.64
CA VAL B 184 19.59 -11.83 14.41
C VAL B 184 19.41 -10.99 13.11
N PRO B 185 18.43 -11.37 12.24
CA PRO B 185 18.22 -10.65 10.94
C PRO B 185 17.46 -9.31 10.94
N ILE B 186 18.19 -8.23 11.24
CA ILE B 186 17.56 -6.98 11.65
C ILE B 186 16.83 -6.33 10.49
N LYS B 187 17.46 -6.30 9.32
CA LYS B 187 16.79 -5.70 8.17
C LYS B 187 15.42 -6.33 7.96
N TRP B 188 15.34 -7.65 8.05
CA TRP B 188 14.17 -8.43 7.69
C TRP B 188 13.14 -8.55 8.80
N MET B 189 13.19 -7.77 9.88
CA MET B 189 12.31 -8.01 11.01
C MET B 189 11.35 -6.86 11.24
N ALA B 190 10.18 -7.22 11.80
CA ALA B 190 9.20 -6.25 12.24
C ALA B 190 9.78 -5.39 13.35
N LEU B 191 9.26 -4.15 13.46
CA LEU B 191 9.71 -3.25 14.51
C LEU B 191 9.50 -3.90 15.87
N GLU B 192 8.29 -4.38 16.12
CA GLU B 192 7.96 -5.10 17.35
C GLU B 192 8.88 -6.28 17.63
N SER B 193 9.64 -6.75 16.63
CA SER B 193 10.63 -7.80 16.83
C SER B 193 11.97 -7.21 17.31
N ILE B 194 12.39 -6.10 16.71
CA ILE B 194 13.62 -5.45 17.10
C ILE B 194 13.51 -4.94 18.54
N LEU B 195 12.36 -4.36 18.90
CA LEU B 195 12.26 -3.68 20.19
C LEU B 195 11.90 -4.64 21.32
N HIS B 196 11.24 -5.76 21.01
CA HIS B 196 10.82 -6.71 22.03
C HIS B 196 11.31 -8.16 21.83
N ARG B 197 11.98 -8.45 20.72
CA ARG B 197 12.31 -9.83 20.33
C ARG B 197 11.09 -10.72 20.55
N ILE B 198 9.96 -10.33 19.94
CA ILE B 198 8.74 -11.13 19.86
C ILE B 198 8.39 -11.36 18.39
N TYR B 199 7.89 -12.57 18.11
CA TYR B 199 7.58 -13.03 16.77
C TYR B 199 6.17 -13.58 16.80
N THR B 200 5.27 -12.97 16.02
CA THR B 200 3.93 -13.46 15.77
C THR B 200 3.86 -13.87 14.31
N HIS B 201 2.67 -14.25 13.84
CA HIS B 201 2.51 -14.50 12.41
C HIS B 201 2.55 -13.20 11.61
N GLN B 202 2.08 -12.10 12.21
CA GLN B 202 2.05 -10.80 11.55
C GLN B 202 3.44 -10.20 11.45
N SER B 203 4.35 -10.54 12.34
CA SER B 203 5.74 -10.18 12.10
C SER B 203 6.32 -10.97 10.93
N ASP B 204 5.85 -12.21 10.73
CA ASP B 204 6.25 -12.95 9.53
C ASP B 204 5.78 -12.22 8.29
N VAL B 205 4.60 -11.60 8.37
CA VAL B 205 4.08 -10.80 7.26
C VAL B 205 5.07 -9.69 6.92
N TRP B 206 5.60 -8.99 7.94
CA TRP B 206 6.67 -8.00 7.72
C TRP B 206 7.82 -8.63 6.95
N SER B 207 8.33 -9.77 7.43
CA SER B 207 9.37 -10.47 6.70
C SER B 207 8.92 -10.76 5.28
N TYR B 208 7.71 -11.35 5.13
CA TYR B 208 7.17 -11.57 3.80
C TYR B 208 7.18 -10.30 2.96
N GLY B 209 6.90 -9.15 3.56
CA GLY B 209 7.11 -7.87 2.90
C GLY B 209 8.51 -7.73 2.32
N VAL B 210 9.50 -7.63 3.21
CA VAL B 210 10.91 -7.47 2.83
C VAL B 210 11.36 -8.54 1.83
N THR B 211 10.75 -9.73 1.89
CA THR B 211 11.09 -10.80 0.94
C THR B 211 10.65 -10.45 -0.48
N VAL B 212 9.42 -9.95 -0.62
CA VAL B 212 8.97 -9.54 -1.95
C VAL B 212 9.83 -8.41 -2.47
N TRP B 213 10.21 -7.49 -1.58
CA TRP B 213 11.08 -6.39 -1.96
C TRP B 213 12.40 -6.90 -2.56
N GLU B 214 13.09 -7.83 -1.87
CA GLU B 214 14.30 -8.41 -2.43
C GLU B 214 14.06 -9.01 -3.80
N LEU B 215 12.87 -9.60 -3.99
CA LEU B 215 12.52 -10.18 -5.30
C LEU B 215 12.38 -9.12 -6.36
N MET B 216 11.54 -8.11 -6.11
CA MET B 216 11.23 -7.12 -7.13
C MET B 216 12.47 -6.31 -7.50
N THR B 217 13.32 -6.02 -6.53
CA THR B 217 14.54 -5.29 -6.80
C THR B 217 15.59 -6.11 -7.52
N PHE B 218 15.29 -7.38 -7.79
CA PHE B 218 16.23 -8.34 -8.37
C PHE B 218 17.45 -8.53 -7.44
N GLY B 219 17.14 -8.81 -6.17
CA GLY B 219 18.14 -9.17 -5.20
C GLY B 219 18.95 -8.06 -4.60
N SER B 220 18.48 -6.81 -4.62
CA SER B 220 19.26 -5.79 -3.95
C SER B 220 19.12 -5.95 -2.43
N LYS B 221 20.08 -5.37 -1.69
CA LYS B 221 20.24 -5.60 -0.25
C LYS B 221 19.38 -4.63 0.54
N PRO B 222 18.43 -5.09 1.36
CA PRO B 222 17.54 -4.14 2.07
C PRO B 222 18.29 -3.21 3.00
N TYR B 223 17.96 -1.92 2.91
CA TYR B 223 18.54 -0.85 3.73
C TYR B 223 20.08 -0.88 3.70
N ASP B 224 20.67 -1.06 2.51
CA ASP B 224 22.09 -1.44 2.41
C ASP B 224 22.99 -0.42 3.08
N GLY B 225 24.17 -0.90 3.51
CA GLY B 225 25.18 -0.07 4.11
C GLY B 225 24.78 0.54 5.44
N ILE B 226 23.48 0.68 5.67
CA ILE B 226 22.97 1.31 6.89
C ILE B 226 23.22 0.38 8.06
N PRO B 227 23.66 0.89 9.21
CA PRO B 227 23.92 0.02 10.36
C PRO B 227 22.62 -0.53 10.92
N ALA B 228 22.72 -1.73 11.50
CA ALA B 228 21.53 -2.38 12.02
C ALA B 228 20.97 -1.67 13.23
N SER B 229 21.79 -0.90 13.96
CA SER B 229 21.27 -0.21 15.13
C SER B 229 20.35 0.94 14.74
N GLU B 230 20.49 1.47 13.51
CA GLU B 230 19.61 2.54 13.08
C GLU B 230 18.23 2.04 12.69
N ILE B 231 18.14 0.84 12.12
CA ILE B 231 16.89 0.40 11.51
C ILE B 231 15.74 0.48 12.50
N SER B 232 16.01 0.21 13.78
CA SER B 232 14.99 0.45 14.80
C SER B 232 14.43 1.85 14.64
N SER B 233 15.33 2.84 14.61
CA SER B 233 14.91 4.23 14.62
C SER B 233 14.37 4.68 13.28
N ILE B 234 15.04 4.32 12.17
CA ILE B 234 14.61 4.77 10.86
C ILE B 234 13.37 3.99 10.43
N LEU B 235 12.85 3.15 11.33
CA LEU B 235 11.51 2.57 11.20
C LEU B 235 10.48 3.28 12.06
N GLU B 236 10.82 3.61 13.30
CA GLU B 236 9.90 4.39 14.12
C GLU B 236 9.55 5.70 13.42
N LYS B 237 10.47 6.23 12.61
CA LYS B 237 10.32 7.51 11.94
C LYS B 237 9.65 7.40 10.57
N GLY B 238 9.38 6.18 10.09
CA GLY B 238 8.55 5.99 8.91
C GLY B 238 9.26 5.77 7.60
N GLU B 239 10.58 5.71 7.60
CA GLU B 239 11.28 5.35 6.38
C GLU B 239 11.12 3.86 6.13
N ARG B 240 10.68 3.51 4.93
CA ARG B 240 10.57 2.12 4.52
C ARG B 240 11.50 1.90 3.33
N LEU B 241 11.47 0.67 2.80
CA LEU B 241 12.14 0.44 1.53
C LEU B 241 11.46 1.24 0.40
N PRO B 242 12.23 1.77 -0.55
CA PRO B 242 11.63 2.50 -1.67
C PRO B 242 10.82 1.60 -2.57
N GLN B 243 10.16 2.19 -3.56
CA GLN B 243 9.46 1.44 -4.60
C GLN B 243 10.48 0.79 -5.53
N PRO B 244 10.39 -0.51 -5.80
CA PRO B 244 11.20 -1.08 -6.86
C PRO B 244 10.76 -0.50 -8.20
N PRO B 245 11.70 -0.35 -9.15
CA PRO B 245 11.33 0.32 -10.41
C PRO B 245 10.21 -0.39 -11.15
N ILE B 246 10.26 -1.71 -11.17
CA ILE B 246 9.33 -2.51 -11.95
C ILE B 246 7.96 -2.59 -11.29
N CYS B 247 7.87 -2.23 -10.01
CA CYS B 247 6.61 -2.28 -9.29
C CYS B 247 5.69 -1.16 -9.71
N THR B 248 4.44 -1.52 -10.02
CA THR B 248 3.36 -0.55 -10.04
C THR B 248 3.02 -0.13 -8.61
N ILE B 249 2.18 0.90 -8.48
CA ILE B 249 1.72 1.26 -7.15
C ILE B 249 0.76 0.25 -6.57
N ASP B 250 0.30 -0.72 -7.35
CA ASP B 250 -0.53 -1.77 -6.76
C ASP B 250 0.32 -2.79 -6.01
N VAL B 251 1.39 -3.25 -6.65
CA VAL B 251 2.31 -4.15 -5.95
C VAL B 251 2.84 -3.47 -4.70
N TYR B 252 3.34 -2.24 -4.85
CA TYR B 252 4.09 -1.61 -3.79
C TYR B 252 3.22 -1.28 -2.59
N MET B 253 1.90 -1.20 -2.77
CA MET B 253 1.01 -0.96 -1.64
C MET B 253 0.89 -2.19 -0.74
N ILE B 254 0.90 -3.38 -1.35
CA ILE B 254 1.07 -4.62 -0.59
C ILE B 254 2.31 -4.53 0.31
N MET B 255 3.44 -4.12 -0.26
CA MET B 255 4.67 -4.03 0.53
C MET B 255 4.59 -2.94 1.59
N VAL B 256 3.95 -1.82 1.31
CA VAL B 256 3.86 -0.81 2.37
C VAL B 256 2.97 -1.31 3.50
N LYS B 257 1.91 -2.04 3.15
CA LYS B 257 1.01 -2.53 4.19
C LYS B 257 1.67 -3.57 5.08
N CYS B 258 2.61 -4.37 4.56
CA CYS B 258 3.34 -5.34 5.38
C CYS B 258 4.28 -4.70 6.40
N TRP B 259 4.65 -3.45 6.18
CA TRP B 259 5.59 -2.76 7.05
C TRP B 259 4.87 -1.71 7.88
N MET B 260 3.56 -1.90 8.08
CA MET B 260 2.82 -1.02 8.96
C MET B 260 3.35 -1.17 10.39
N ILE B 261 3.50 -0.05 11.10
CA ILE B 261 3.91 -0.20 12.48
C ILE B 261 2.87 -0.98 13.26
N ASP B 262 1.59 -0.63 13.10
CA ASP B 262 0.53 -1.43 13.72
C ASP B 262 0.53 -2.83 13.12
N ALA B 263 0.52 -3.84 13.99
CA ALA B 263 0.70 -5.22 13.53
C ALA B 263 -0.58 -5.77 12.92
N ASP B 264 -1.73 -5.42 13.50
CA ASP B 264 -3.03 -5.87 13.01
C ASP B 264 -3.44 -5.20 11.69
N SER B 265 -2.94 -3.99 11.42
CA SER B 265 -3.12 -3.34 10.14
C SER B 265 -2.41 -4.06 9.01
N ARG B 266 -1.57 -5.03 9.31
CA ARG B 266 -0.82 -5.75 8.29
C ARG B 266 -1.70 -6.78 7.60
N PRO B 267 -1.45 -7.05 6.32
CA PRO B 267 -2.27 -8.05 5.61
C PRO B 267 -2.11 -9.42 6.25
N LYS B 268 -3.19 -10.18 6.29
CA LYS B 268 -3.08 -11.58 6.70
C LYS B 268 -2.62 -12.42 5.50
N PHE B 269 -2.08 -13.60 5.78
CA PHE B 269 -1.42 -14.37 4.71
C PHE B 269 -2.42 -14.95 3.73
N ARG B 270 -3.59 -15.38 4.22
CA ARG B 270 -4.66 -15.82 3.33
C ARG B 270 -5.00 -14.73 2.31
N GLU B 271 -4.99 -13.47 2.75
CA GLU B 271 -5.28 -12.34 1.86
C GLU B 271 -4.22 -12.20 0.76
N LEU B 272 -2.94 -12.28 1.13
CA LEU B 272 -1.88 -12.02 0.17
C LEU B 272 -2.01 -12.92 -1.06
N ILE B 273 -2.46 -14.16 -0.88
CA ILE B 273 -2.43 -15.10 -2.00
C ILE B 273 -3.57 -14.79 -2.95
N ILE B 274 -4.76 -14.55 -2.38
CA ILE B 274 -5.89 -14.03 -3.12
C ILE B 274 -5.45 -12.83 -3.93
N GLU B 275 -4.92 -11.83 -3.24
CA GLU B 275 -4.40 -10.62 -3.89
C GLU B 275 -3.28 -10.92 -4.90
N PHE B 276 -2.43 -11.92 -4.64
CA PHE B 276 -1.27 -12.08 -5.51
C PHE B 276 -1.51 -13.00 -6.69
N SER B 277 -2.50 -13.87 -6.62
CA SER B 277 -2.85 -14.62 -7.81
C SER B 277 -3.78 -13.82 -8.74
N LYS B 278 -4.74 -13.06 -8.17
CA LYS B 278 -5.49 -12.08 -8.94
C LYS B 278 -4.57 -11.20 -9.79
N MET B 279 -3.53 -10.65 -9.16
CA MET B 279 -2.55 -9.89 -9.92
C MET B 279 -1.67 -10.78 -10.78
N ALA B 280 -1.68 -12.11 -10.55
CA ALA B 280 -0.89 -13.03 -11.35
C ALA B 280 -1.63 -13.53 -12.58
N ARG B 281 -2.96 -13.32 -12.66
CA ARG B 281 -3.70 -13.70 -13.86
C ARG B 281 -3.54 -12.67 -14.98
N ASP B 282 -3.26 -11.41 -14.63
CA ASP B 282 -2.89 -10.37 -15.58
C ASP B 282 -1.51 -9.86 -15.15
N PRO B 283 -0.47 -10.68 -15.31
CA PRO B 283 0.81 -10.35 -14.69
C PRO B 283 1.42 -9.05 -15.21
N GLN B 284 1.38 -8.84 -16.52
CA GLN B 284 2.07 -7.71 -17.13
C GLN B 284 1.47 -6.37 -16.75
N ARG B 285 0.28 -6.37 -16.15
CA ARG B 285 -0.42 -5.14 -15.78
C ARG B 285 0.05 -4.59 -14.45
N TYR B 286 0.74 -5.41 -13.65
CA TYR B 286 1.20 -5.00 -12.33
C TYR B 286 2.70 -4.92 -12.20
N LEU B 287 3.45 -5.54 -13.09
CA LEU B 287 4.90 -5.48 -13.10
C LEU B 287 5.38 -5.09 -14.48
N VAL B 288 6.31 -4.14 -14.53
CA VAL B 288 6.77 -3.54 -15.77
C VAL B 288 8.25 -3.87 -15.90
N ILE B 289 8.59 -4.78 -16.80
CA ILE B 289 9.96 -5.23 -17.00
C ILE B 289 10.31 -4.98 -18.46
N GLN B 290 11.43 -4.30 -18.70
CA GLN B 290 11.85 -4.10 -20.08
C GLN B 290 12.09 -5.43 -20.76
N GLY B 291 11.54 -5.60 -21.95
CA GLY B 291 11.72 -6.84 -22.69
C GLY B 291 11.00 -8.05 -22.13
N ASP B 292 10.07 -7.83 -21.19
CA ASP B 292 9.28 -8.88 -20.53
C ASP B 292 8.91 -10.02 -21.48
N GLU B 293 8.46 -9.65 -22.69
CA GLU B 293 7.89 -10.59 -23.64
C GLU B 293 8.91 -11.64 -24.08
N ARG B 294 10.07 -11.20 -24.54
CA ARG B 294 11.09 -12.16 -24.98
C ARG B 294 11.89 -12.68 -23.79
N SER B 299 14.64 -17.33 -19.59
CA SER B 299 14.76 -18.73 -19.98
C SER B 299 15.33 -19.55 -18.83
N PRO B 300 14.74 -20.72 -18.56
CA PRO B 300 15.14 -21.52 -17.40
C PRO B 300 16.44 -22.31 -17.62
N THR B 301 17.22 -22.46 -16.55
CA THR B 301 18.53 -23.14 -16.66
C THR B 301 19.04 -23.52 -15.28
N ASP B 302 20.38 -23.62 -15.13
CA ASP B 302 21.10 -23.93 -13.91
C ASP B 302 21.49 -22.65 -13.17
N SER B 303 22.05 -22.81 -11.97
CA SER B 303 22.44 -21.64 -11.19
C SER B 303 23.95 -21.63 -10.94
N ASN B 304 24.39 -20.88 -9.94
CA ASN B 304 25.78 -20.85 -9.54
C ASN B 304 26.01 -21.59 -8.22
N PHE B 305 25.06 -21.49 -7.29
CA PHE B 305 25.00 -22.41 -6.16
C PHE B 305 25.01 -23.85 -6.66
N TYR B 306 24.34 -24.10 -7.78
CA TYR B 306 24.30 -25.43 -8.40
C TYR B 306 25.63 -25.78 -9.06
N ARG B 307 26.41 -24.78 -9.48
CA ARG B 307 27.73 -25.05 -10.04
C ARG B 307 28.72 -25.49 -8.97
N ALA B 308 28.51 -25.08 -7.71
CA ALA B 308 29.42 -25.45 -6.61
C ALA B 308 29.44 -26.96 -6.38
N LEU B 309 28.34 -27.63 -6.69
CA LEU B 309 28.15 -29.01 -6.27
C LEU B 309 28.78 -30.00 -7.25
N MET B 310 28.77 -29.70 -8.53
CA MET B 310 29.27 -30.61 -9.56
C MET B 310 30.75 -30.98 -9.41
N VAL B 318 23.95 -34.41 -8.01
CA VAL B 318 23.26 -33.10 -8.01
C VAL B 318 21.75 -33.30 -8.18
N VAL B 319 21.14 -33.93 -7.18
CA VAL B 319 19.89 -34.64 -7.34
C VAL B 319 18.89 -34.05 -6.35
N ASP B 320 17.73 -33.63 -6.86
CA ASP B 320 16.64 -33.17 -6.00
C ASP B 320 16.21 -34.31 -5.08
N ALA B 321 15.89 -33.98 -3.83
CA ALA B 321 15.47 -34.99 -2.87
C ALA B 321 14.05 -35.48 -3.12
N ASP B 322 13.17 -34.62 -3.65
CA ASP B 322 11.82 -35.03 -4.03
C ASP B 322 11.85 -36.05 -5.15
N GLU B 323 12.93 -36.07 -5.93
CA GLU B 323 13.07 -37.05 -7.00
C GLU B 323 13.51 -38.41 -6.48
N TYR B 324 14.46 -38.45 -5.55
CA TYR B 324 14.96 -39.72 -5.03
C TYR B 324 13.86 -40.52 -4.33
N LEU B 325 13.26 -39.93 -3.28
CA LEU B 325 12.34 -40.62 -2.37
C LEU B 325 11.03 -41.00 -3.08
N ILE B 326 10.89 -40.67 -4.36
CA ILE B 326 9.69 -41.05 -5.11
C ILE B 326 9.71 -42.55 -5.46
C1 6GY C . -3.47 21.28 1.76
C2 6GY C . -4.27 21.98 2.65
C3 6GY C . -8.39 18.25 5.06
C4 6GY C . -3.16 23.90 2.00
C6 6GY C . -2.51 21.95 1.00
C9 6GY C . -4.84 25.82 3.76
C10 6GY C . -5.44 26.73 4.64
C11 6GY C . -4.87 28.00 4.81
C12 6GY C . -3.73 28.40 4.13
C13 6GY C . -3.13 27.49 3.27
O14 6GY C . -1.96 27.89 2.61
C15 6GY C . -0.95 28.21 3.54
C18 6GY C . -7.11 30.96 5.78
C26 6GY C . -8.73 32.52 10.01
N3 6GY C . -4.09 23.30 2.74
N5 6GY C . -2.37 23.26 1.15
N7 6GY C . -2.95 25.33 2.13
C8 6GY C . -3.67 26.20 3.07
N16 6GY C . -5.49 28.99 5.68
C17 6GY C . -6.64 29.76 4.94
C19 6GY C . -7.52 30.51 7.17
C20 6GY C . -6.37 29.84 7.86
C21 6GY C . -6.03 28.57 7.07
N22 6GY C . -7.97 31.61 7.91
C23 6GY C . -7.14 32.72 7.79
C24 6GY C . -7.67 33.85 8.65
N25 6GY C . -7.79 33.45 9.90
C27 6GY C . -8.35 31.26 9.22
C28 6GY C . -8.02 34.47 10.69
N29 6GY C . -5.30 21.27 3.42
C30 6GY C . -6.04 21.84 4.57
C31 6GY C . -7.24 21.22 4.98
C32 6GY C . -7.97 21.67 6.08
C33 6GY C . -7.50 22.79 6.78
C34 6GY C . -6.31 23.42 6.37
C35 6GY C . -5.58 22.95 5.28
P1 6GY C . -7.85 19.72 4.04
C37 6GY C . -9.29 20.30 2.99
O41 6GY C . -6.60 19.21 3.07
CL 6GY C . -3.69 19.53 1.57
#